data_2LVH
#
_entry.id   2LVH
#
loop_
_entity.id
_entity.type
_entity.pdbx_description
1 polymer 'Putative zinc finger protein ORF59a'
2 non-polymer 'ZINC ION'
#
_entity_poly.entity_id   1
_entity_poly.type   'polypeptide(L)'
_entity_poly.pdbx_seq_one_letter_code
;MIEVSSMERVYQCLRCGLTFRTKKQLIRHLVNTEKVNPLSIDYYYQSFSVSLKDVNKII
;
_entity_poly.pdbx_strand_id   A
#
# COMPACT_ATOMS: atom_id res chain seq x y z
N MET A 7 2.96 -16.89 3.41
CA MET A 7 4.20 -16.68 2.62
C MET A 7 3.89 -15.85 1.38
N GLU A 8 3.86 -14.54 1.56
CA GLU A 8 3.50 -13.63 0.49
C GLU A 8 4.08 -12.25 0.76
N ARG A 9 4.09 -11.42 -0.27
CA ARG A 9 4.56 -10.05 -0.12
C ARG A 9 3.38 -9.12 0.01
N VAL A 10 3.31 -8.45 1.15
CA VAL A 10 2.24 -7.53 1.46
C VAL A 10 2.71 -6.10 1.28
N TYR A 11 1.76 -5.17 1.23
CA TYR A 11 2.08 -3.78 0.95
C TYR A 11 1.36 -2.90 1.95
N GLN A 12 2.10 -2.13 2.73
CA GLN A 12 1.49 -1.26 3.72
C GLN A 12 1.49 0.18 3.25
N CYS A 13 0.49 0.93 3.69
CA CYS A 13 0.47 2.37 3.45
C CYS A 13 1.33 3.05 4.51
N LEU A 14 2.26 3.86 4.08
CA LEU A 14 3.21 4.54 4.97
C LEU A 14 2.53 5.63 5.79
N ARG A 15 1.20 5.63 5.79
CA ARG A 15 0.42 6.65 6.46
C ARG A 15 -0.25 6.09 7.71
N CYS A 16 -1.03 5.03 7.54
CA CYS A 16 -1.73 4.42 8.66
C CYS A 16 -0.95 3.19 9.13
N GLY A 17 -0.06 2.72 8.27
CA GLY A 17 0.65 1.49 8.53
C GLY A 17 -0.19 0.27 8.19
N LEU A 18 -1.18 0.48 7.33
CA LEU A 18 -2.11 -0.59 6.99
C LEU A 18 -1.55 -1.46 5.86
N THR A 19 -1.44 -2.74 6.12
CA THR A 19 -0.81 -3.66 5.17
C THR A 19 -1.85 -4.53 4.47
N PHE A 20 -1.71 -4.65 3.16
CA PHE A 20 -2.64 -5.43 2.35
C PHE A 20 -1.89 -6.54 1.64
N ARG A 21 -2.60 -7.61 1.33
CA ARG A 21 -1.99 -8.77 0.70
C ARG A 21 -1.98 -8.62 -0.82
N THR A 22 -2.63 -7.58 -1.32
CA THR A 22 -2.65 -7.30 -2.75
C THR A 22 -2.53 -5.79 -2.99
N LYS A 23 -1.95 -5.43 -4.14
CA LYS A 23 -1.73 -4.04 -4.48
C LYS A 23 -3.04 -3.30 -4.76
N LYS A 24 -4.06 -4.04 -5.17
CA LYS A 24 -5.36 -3.43 -5.45
C LYS A 24 -5.93 -2.77 -4.19
N GLN A 25 -5.92 -3.52 -3.09
CA GLN A 25 -6.39 -3.01 -1.81
C GLN A 25 -5.51 -1.86 -1.35
N LEU A 26 -4.23 -1.96 -1.64
CA LEU A 26 -3.27 -0.93 -1.28
C LEU A 26 -3.53 0.36 -2.03
N ILE A 27 -3.63 0.26 -3.35
CA ILE A 27 -3.78 1.44 -4.20
C ILE A 27 -5.11 2.14 -3.94
N ARG A 28 -6.18 1.37 -3.84
CA ARG A 28 -7.49 1.96 -3.61
C ARG A 28 -7.54 2.69 -2.27
N HIS A 29 -6.75 2.23 -1.31
CA HIS A 29 -6.68 2.87 0.00
C HIS A 29 -5.76 4.08 -0.03
N LEU A 30 -4.60 3.95 -0.69
CA LEU A 30 -3.73 5.10 -0.93
C LEU A 30 -4.52 6.24 -1.58
N VAL A 31 -5.29 5.92 -2.61
CA VAL A 31 -6.12 6.90 -3.29
C VAL A 31 -7.24 7.42 -2.37
N ASN A 32 -7.94 6.50 -1.73
CA ASN A 32 -9.13 6.84 -0.93
C ASN A 32 -8.80 7.72 0.27
N THR A 33 -7.97 7.22 1.16
CA THR A 33 -7.76 7.86 2.45
C THR A 33 -6.57 8.80 2.46
N GLU A 34 -5.47 8.37 1.86
CA GLU A 34 -4.23 9.13 1.91
C GLU A 34 -4.14 10.12 0.74
N LYS A 35 -5.21 10.17 -0.06
CA LYS A 35 -5.32 11.05 -1.24
C LYS A 35 -4.12 10.92 -2.19
N VAL A 36 -3.56 9.73 -2.25
CA VAL A 36 -2.40 9.48 -3.08
C VAL A 36 -2.83 8.94 -4.45
N ASN A 37 -2.42 9.62 -5.50
CA ASN A 37 -2.71 9.17 -6.85
C ASN A 37 -1.79 8.01 -7.22
N PRO A 38 -2.30 7.05 -8.01
CA PRO A 38 -1.59 5.80 -8.34
C PRO A 38 -0.23 6.02 -9.01
N LEU A 39 0.01 7.20 -9.56
CA LEU A 39 1.30 7.51 -10.16
C LEU A 39 2.29 8.04 -9.13
N SER A 40 1.84 8.22 -7.90
CA SER A 40 2.68 8.74 -6.83
C SER A 40 2.70 7.80 -5.62
N ILE A 41 2.27 6.56 -5.83
CA ILE A 41 2.12 5.60 -4.73
C ILE A 41 3.47 5.15 -4.17
N ASP A 42 4.52 5.26 -4.99
CA ASP A 42 5.82 4.66 -4.67
C ASP A 42 6.40 5.13 -3.34
N TYR A 43 6.01 6.30 -2.87
CA TYR A 43 6.51 6.82 -1.60
C TYR A 43 5.62 6.44 -0.42
N TYR A 44 4.37 6.11 -0.71
CA TYR A 44 3.40 5.92 0.37
C TYR A 44 3.04 4.46 0.53
N TYR A 45 3.70 3.61 -0.23
CA TYR A 45 3.53 2.18 -0.07
C TYR A 45 4.88 1.49 0.01
N GLN A 46 4.95 0.44 0.80
CA GLN A 46 6.17 -0.33 0.96
C GLN A 46 5.88 -1.81 0.79
N SER A 47 6.74 -2.49 0.04
CA SER A 47 6.57 -3.92 -0.18
C SER A 47 7.36 -4.71 0.86
N PHE A 48 6.68 -5.60 1.56
CA PHE A 48 7.32 -6.42 2.59
C PHE A 48 6.88 -7.87 2.47
N SER A 49 7.81 -8.79 2.60
CA SER A 49 7.49 -10.20 2.49
C SER A 49 7.31 -10.82 3.87
N VAL A 50 6.20 -11.51 4.04
CA VAL A 50 5.89 -12.13 5.32
C VAL A 50 5.56 -13.62 5.12
N SER A 51 5.87 -14.43 6.12
CA SER A 51 5.66 -15.86 6.02
C SER A 51 4.35 -16.25 6.72
N MET A 7 5.90 -16.99 2.02
CA MET A 7 6.52 -16.01 1.12
C MET A 7 5.48 -15.01 0.61
N GLU A 8 4.42 -14.80 1.38
CA GLU A 8 3.38 -13.86 1.00
C GLU A 8 3.89 -12.43 1.11
N ARG A 9 3.49 -11.59 0.18
CA ARG A 9 3.94 -10.20 0.16
C ARG A 9 2.84 -9.29 0.66
N VAL A 10 3.20 -8.32 1.47
CA VAL A 10 2.23 -7.37 2.01
C VAL A 10 2.65 -5.93 1.72
N TYR A 11 1.66 -5.10 1.45
CA TYR A 11 1.89 -3.70 1.14
C TYR A 11 1.40 -2.84 2.30
N GLN A 12 2.31 -2.11 2.91
CA GLN A 12 1.96 -1.21 4.00
C GLN A 12 1.84 0.21 3.51
N CYS A 13 0.73 0.86 3.84
CA CYS A 13 0.61 2.28 3.62
C CYS A 13 1.40 2.96 4.74
N LEU A 14 2.37 3.78 4.39
CA LEU A 14 3.27 4.39 5.38
C LEU A 14 2.58 5.51 6.15
N ARG A 15 1.26 5.59 6.02
CA ARG A 15 0.51 6.67 6.64
C ARG A 15 -0.24 6.15 7.86
N CYS A 16 -1.00 5.07 7.68
CA CYS A 16 -1.76 4.47 8.77
C CYS A 16 -1.10 3.19 9.24
N GLY A 17 -0.15 2.71 8.43
CA GLY A 17 0.50 1.45 8.71
C GLY A 17 -0.36 0.27 8.32
N LEU A 18 -1.27 0.49 7.37
CA LEU A 18 -2.20 -0.56 6.97
C LEU A 18 -1.58 -1.45 5.91
N THR A 19 -1.63 -2.76 6.14
CA THR A 19 -1.00 -3.72 5.24
C THR A 19 -2.02 -4.53 4.47
N PHE A 20 -1.78 -4.70 3.18
CA PHE A 20 -2.66 -5.48 2.32
C PHE A 20 -1.85 -6.53 1.59
N ARG A 21 -2.44 -7.68 1.31
CA ARG A 21 -1.76 -8.74 0.59
C ARG A 21 -2.07 -8.66 -0.90
N THR A 22 -2.76 -7.59 -1.27
CA THR A 22 -3.11 -7.35 -2.66
C THR A 22 -2.94 -5.87 -3.00
N LYS A 23 -2.28 -5.61 -4.12
CA LYS A 23 -1.94 -4.26 -4.53
C LYS A 23 -3.17 -3.44 -4.89
N LYS A 24 -4.25 -4.11 -5.26
CA LYS A 24 -5.49 -3.43 -5.62
C LYS A 24 -6.10 -2.75 -4.39
N GLN A 25 -6.12 -3.46 -3.28
CA GLN A 25 -6.62 -2.90 -2.03
C GLN A 25 -5.68 -1.81 -1.52
N LEU A 26 -4.40 -1.93 -1.89
CA LEU A 26 -3.42 -0.91 -1.55
C LEU A 26 -3.73 0.39 -2.28
N ILE A 27 -3.88 0.28 -3.59
CA ILE A 27 -4.14 1.45 -4.44
C ILE A 27 -5.43 2.13 -4.04
N ARG A 28 -6.46 1.34 -3.78
CA ARG A 28 -7.75 1.86 -3.33
C ARG A 28 -7.59 2.75 -2.10
N HIS A 29 -6.91 2.21 -1.10
CA HIS A 29 -6.71 2.92 0.16
C HIS A 29 -5.77 4.11 -0.03
N LEU A 30 -4.66 3.87 -0.73
CA LEU A 30 -3.71 4.93 -1.07
C LEU A 30 -4.38 6.13 -1.75
N VAL A 31 -5.15 5.87 -2.80
CA VAL A 31 -5.75 6.95 -3.58
C VAL A 31 -6.90 7.61 -2.84
N ASN A 32 -7.74 6.79 -2.21
CA ASN A 32 -8.96 7.28 -1.59
C ASN A 32 -8.70 7.91 -0.23
N THR A 33 -7.94 7.22 0.61
CA THR A 33 -7.77 7.66 1.99
C THR A 33 -6.49 8.47 2.18
N GLU A 34 -5.39 8.03 1.59
CA GLU A 34 -4.12 8.74 1.75
C GLU A 34 -4.02 9.89 0.75
N LYS A 35 -5.08 10.05 -0.05
CA LYS A 35 -5.16 11.03 -1.14
C LYS A 35 -3.93 10.96 -2.06
N VAL A 36 -3.39 9.77 -2.23
CA VAL A 36 -2.22 9.57 -3.07
C VAL A 36 -2.60 8.82 -4.34
N ASN A 37 -2.56 9.52 -5.47
CA ASN A 37 -2.94 8.94 -6.75
C ASN A 37 -1.94 7.87 -7.19
N PRO A 38 -2.37 6.91 -8.03
CA PRO A 38 -1.55 5.74 -8.39
C PRO A 38 -0.14 6.09 -8.84
N LEU A 39 -0.02 7.14 -9.65
CA LEU A 39 1.26 7.52 -10.22
C LEU A 39 2.15 8.25 -9.22
N SER A 40 1.78 8.23 -7.95
CA SER A 40 2.57 8.87 -6.91
C SER A 40 2.64 8.02 -5.64
N ILE A 41 2.09 6.80 -5.69
CA ILE A 41 2.06 5.92 -4.51
C ILE A 41 3.45 5.46 -4.11
N ASP A 42 4.40 5.61 -5.04
CA ASP A 42 5.77 5.11 -4.89
C ASP A 42 6.38 5.43 -3.52
N TYR A 43 6.12 6.63 -3.01
CA TYR A 43 6.72 7.09 -1.76
C TYR A 43 5.93 6.63 -0.53
N TYR A 44 4.67 6.31 -0.72
CA TYR A 44 3.77 6.14 0.41
C TYR A 44 3.46 4.68 0.71
N TYR A 45 3.84 3.78 -0.19
CA TYR A 45 3.61 2.36 0.06
C TYR A 45 4.92 1.58 0.15
N GLN A 46 4.96 0.64 1.08
CA GLN A 46 6.11 -0.23 1.27
C GLN A 46 5.68 -1.68 1.13
N SER A 47 6.36 -2.43 0.29
CA SER A 47 6.04 -3.84 0.11
C SER A 47 7.15 -4.71 0.67
N PHE A 48 6.78 -5.65 1.52
CA PHE A 48 7.73 -6.60 2.08
C PHE A 48 7.07 -7.97 2.18
N SER A 49 7.87 -9.01 2.00
CA SER A 49 7.36 -10.36 2.02
C SER A 49 7.65 -11.02 3.37
N VAL A 50 6.69 -11.80 3.85
CA VAL A 50 6.84 -12.52 5.10
C VAL A 50 7.30 -13.95 4.82
N SER A 51 7.48 -14.73 5.88
CA SER A 51 8.00 -16.09 5.74
C SER A 51 6.85 -17.10 5.76
N MET A 7 5.55 -16.06 2.96
CA MET A 7 6.15 -16.05 1.60
C MET A 7 5.55 -14.93 0.76
N GLU A 8 4.46 -14.36 1.24
CA GLU A 8 3.76 -13.30 0.53
C GLU A 8 4.47 -11.96 0.76
N ARG A 9 4.69 -11.21 -0.30
CA ARG A 9 5.22 -9.87 -0.15
C ARG A 9 4.06 -8.88 -0.24
N VAL A 10 3.71 -8.32 0.91
CA VAL A 10 2.53 -7.46 1.02
C VAL A 10 2.94 -6.00 0.96
N TYR A 11 1.96 -5.10 0.96
CA TYR A 11 2.24 -3.68 0.83
C TYR A 11 1.57 -2.92 1.97
N GLN A 12 2.35 -2.12 2.68
CA GLN A 12 1.81 -1.34 3.80
C GLN A 12 1.80 0.15 3.44
N CYS A 13 0.74 0.84 3.84
CA CYS A 13 0.65 2.27 3.63
C CYS A 13 1.46 3.00 4.72
N LEU A 14 2.31 3.94 4.33
CA LEU A 14 3.19 4.62 5.29
C LEU A 14 2.45 5.66 6.11
N ARG A 15 1.13 5.67 6.00
CA ARG A 15 0.31 6.59 6.77
C ARG A 15 -0.29 5.91 7.99
N CYS A 16 -1.02 4.82 7.76
CA CYS A 16 -1.74 4.16 8.85
C CYS A 16 -1.01 2.90 9.29
N GLY A 17 -0.10 2.43 8.44
CA GLY A 17 0.60 1.19 8.70
C GLY A 17 -0.18 -0.01 8.21
N LEU A 18 -1.34 0.26 7.60
CA LEU A 18 -2.20 -0.82 7.13
C LEU A 18 -1.54 -1.58 5.98
N THR A 19 -1.42 -2.89 6.14
CA THR A 19 -0.76 -3.72 5.15
C THR A 19 -1.77 -4.59 4.40
N PHE A 20 -1.60 -4.70 3.10
CA PHE A 20 -2.52 -5.44 2.24
C PHE A 20 -1.79 -6.51 1.45
N ARG A 21 -2.47 -7.62 1.19
CA ARG A 21 -1.89 -8.71 0.42
C ARG A 21 -2.06 -8.47 -1.07
N THR A 22 -3.10 -7.74 -1.43
CA THR A 22 -3.41 -7.46 -2.82
C THR A 22 -3.16 -6.00 -3.15
N LYS A 23 -2.50 -5.75 -4.27
CA LYS A 23 -2.08 -4.41 -4.67
C LYS A 23 -3.28 -3.52 -4.98
N LYS A 24 -4.35 -4.09 -5.50
CA LYS A 24 -5.54 -3.30 -5.83
C LYS A 24 -6.16 -2.69 -4.57
N GLN A 25 -6.18 -3.47 -3.50
CA GLN A 25 -6.69 -2.99 -2.22
C GLN A 25 -5.77 -1.91 -1.66
N LEU A 26 -4.49 -2.06 -1.95
CA LEU A 26 -3.50 -1.06 -1.58
C LEU A 26 -3.81 0.25 -2.27
N ILE A 27 -4.00 0.19 -3.58
CA ILE A 27 -4.25 1.38 -4.38
C ILE A 27 -5.52 2.08 -3.91
N ARG A 28 -6.58 1.29 -3.71
CA ARG A 28 -7.86 1.82 -3.25
C ARG A 28 -7.70 2.67 -1.99
N HIS A 29 -6.95 2.16 -1.04
CA HIS A 29 -6.74 2.86 0.22
C HIS A 29 -5.79 4.04 0.04
N LEU A 30 -4.69 3.81 -0.67
CA LEU A 30 -3.73 4.86 -1.01
C LEU A 30 -4.40 6.08 -1.68
N VAL A 31 -5.24 5.86 -2.68
CA VAL A 31 -5.85 6.95 -3.41
C VAL A 31 -6.87 7.71 -2.57
N ASN A 32 -7.81 6.99 -1.99
CA ASN A 32 -8.89 7.61 -1.23
C ASN A 32 -8.41 8.20 0.10
N THR A 33 -7.87 7.34 0.97
CA THR A 33 -7.55 7.75 2.33
C THR A 33 -6.23 8.51 2.40
N GLU A 34 -5.19 7.97 1.78
CA GLU A 34 -3.87 8.61 1.81
C GLU A 34 -3.81 9.74 0.78
N LYS A 35 -4.90 9.86 0.01
CA LYS A 35 -5.12 10.89 -1.02
C LYS A 35 -3.93 11.07 -1.97
N VAL A 36 -3.23 9.98 -2.27
CA VAL A 36 -2.14 10.04 -3.21
C VAL A 36 -2.60 9.65 -4.61
N ASN A 37 -2.03 10.32 -5.60
CA ASN A 37 -2.30 10.01 -7.00
C ASN A 37 -1.72 8.63 -7.32
N PRO A 38 -2.46 7.79 -8.09
CA PRO A 38 -2.01 6.44 -8.47
C PRO A 38 -0.62 6.39 -9.11
N LEU A 39 -0.14 7.52 -9.61
CA LEU A 39 1.21 7.58 -10.19
C LEU A 39 2.24 7.89 -9.11
N SER A 40 1.78 8.13 -7.90
CA SER A 40 2.65 8.50 -6.80
C SER A 40 2.51 7.51 -5.64
N ILE A 41 1.79 6.41 -5.88
CA ILE A 41 1.54 5.41 -4.84
C ILE A 41 2.84 4.85 -4.26
N ASP A 42 3.79 4.55 -5.15
CA ASP A 42 5.04 3.87 -4.78
C ASP A 42 5.83 4.61 -3.72
N TYR A 43 5.58 5.91 -3.58
CA TYR A 43 6.33 6.72 -2.63
C TYR A 43 5.80 6.53 -1.20
N TYR A 44 4.56 6.07 -1.08
CA TYR A 44 3.88 6.05 0.22
C TYR A 44 3.53 4.65 0.66
N TYR A 45 3.89 3.66 -0.14
CA TYR A 45 3.68 2.28 0.27
C TYR A 45 4.99 1.49 0.24
N GLN A 46 5.13 0.57 1.17
CA GLN A 46 6.32 -0.27 1.26
C GLN A 46 5.92 -1.74 1.21
N SER A 47 6.68 -2.53 0.47
CA SER A 47 6.46 -3.95 0.40
C SER A 47 7.24 -4.66 1.50
N PHE A 48 6.59 -5.58 2.19
CA PHE A 48 7.21 -6.31 3.28
C PHE A 48 6.95 -7.81 3.11
N SER A 49 7.95 -8.62 3.43
CA SER A 49 7.83 -10.05 3.29
C SER A 49 7.18 -10.68 4.52
N VAL A 50 6.14 -11.47 4.30
CA VAL A 50 5.48 -12.20 5.38
C VAL A 50 6.04 -13.63 5.43
N SER A 51 5.80 -14.33 6.52
CA SER A 51 6.31 -15.68 6.67
C SER A 51 5.24 -16.70 6.31
N MET A 7 3.27 -16.05 4.12
CA MET A 7 4.00 -16.33 2.87
C MET A 7 3.36 -15.57 1.70
N GLU A 8 3.40 -14.26 1.80
CA GLU A 8 2.83 -13.39 0.77
C GLU A 8 3.57 -12.06 0.78
N ARG A 9 3.36 -11.26 -0.25
CA ARG A 9 3.98 -9.95 -0.33
C ARG A 9 2.98 -8.90 0.12
N VAL A 10 3.28 -8.26 1.22
CA VAL A 10 2.39 -7.25 1.79
C VAL A 10 2.95 -5.87 1.53
N TYR A 11 2.04 -4.89 1.46
CA TYR A 11 2.40 -3.48 1.29
C TYR A 11 1.63 -2.66 2.32
N GLN A 12 2.32 -1.85 3.12
CA GLN A 12 1.61 -1.03 4.09
C GLN A 12 1.73 0.43 3.73
N CYS A 13 0.61 1.15 3.85
CA CYS A 13 0.60 2.58 3.61
C CYS A 13 1.43 3.24 4.71
N LEU A 14 2.26 4.20 4.35
CA LEU A 14 3.17 4.84 5.31
C LEU A 14 2.41 5.77 6.26
N ARG A 15 1.09 5.78 6.15
CA ARG A 15 0.27 6.61 6.98
C ARG A 15 -0.33 5.84 8.16
N CYS A 16 -1.09 4.80 7.86
CA CYS A 16 -1.82 4.08 8.89
C CYS A 16 -1.12 2.78 9.26
N GLY A 17 -0.12 2.42 8.45
CA GLY A 17 0.57 1.17 8.65
C GLY A 17 -0.26 -0.02 8.22
N LEU A 18 -1.32 0.25 7.46
CA LEU A 18 -2.21 -0.81 7.00
C LEU A 18 -1.58 -1.65 5.91
N THR A 19 -1.48 -2.96 6.14
CA THR A 19 -0.86 -3.88 5.19
C THR A 19 -1.90 -4.51 4.27
N PHE A 20 -1.58 -4.60 2.99
CA PHE A 20 -2.42 -5.28 2.03
C PHE A 20 -1.61 -6.35 1.32
N ARG A 21 -2.28 -7.42 0.91
CA ARG A 21 -1.61 -8.52 0.22
C ARG A 21 -1.93 -8.46 -1.27
N THR A 22 -2.94 -7.70 -1.60
CA THR A 22 -3.32 -7.45 -2.97
C THR A 22 -3.07 -5.99 -3.32
N LYS A 23 -2.52 -5.77 -4.52
CA LYS A 23 -2.14 -4.44 -4.95
C LYS A 23 -3.37 -3.55 -5.13
N LYS A 24 -4.51 -4.17 -5.42
CA LYS A 24 -5.75 -3.44 -5.62
C LYS A 24 -6.18 -2.73 -4.34
N GLN A 25 -6.10 -3.45 -3.21
CA GLN A 25 -6.49 -2.89 -1.93
C GLN A 25 -5.56 -1.76 -1.52
N LEU A 26 -4.29 -1.89 -1.88
CA LEU A 26 -3.29 -0.86 -1.61
C LEU A 26 -3.66 0.42 -2.35
N ILE A 27 -3.90 0.29 -3.65
CA ILE A 27 -4.24 1.44 -4.49
C ILE A 27 -5.53 2.08 -4.01
N ARG A 28 -6.53 1.25 -3.73
CA ARG A 28 -7.82 1.74 -3.25
C ARG A 28 -7.67 2.62 -2.01
N HIS A 29 -6.84 2.19 -1.09
CA HIS A 29 -6.66 2.90 0.17
C HIS A 29 -5.74 4.12 0.00
N LEU A 30 -4.61 3.91 -0.67
CA LEU A 30 -3.69 4.99 -1.01
C LEU A 30 -4.39 6.15 -1.73
N VAL A 31 -5.27 5.83 -2.67
CA VAL A 31 -5.99 6.87 -3.41
C VAL A 31 -7.11 7.48 -2.58
N ASN A 32 -7.83 6.65 -1.83
CA ASN A 32 -9.00 7.10 -1.09
C ASN A 32 -8.62 7.89 0.16
N THR A 33 -7.85 7.28 1.05
CA THR A 33 -7.57 7.90 2.34
C THR A 33 -6.24 8.66 2.33
N GLU A 34 -5.21 8.08 1.72
CA GLU A 34 -3.88 8.70 1.73
C GLU A 34 -3.78 9.77 0.65
N LYS A 35 -4.87 9.89 -0.12
CA LYS A 35 -5.02 10.88 -1.20
C LYS A 35 -3.82 10.93 -2.15
N VAL A 36 -3.30 9.76 -2.50
CA VAL A 36 -2.16 9.67 -3.40
C VAL A 36 -2.58 9.11 -4.76
N ASN A 37 -2.10 9.73 -5.83
CA ASN A 37 -2.31 9.24 -7.19
C ASN A 37 -1.63 7.89 -7.38
N PRO A 38 -2.29 6.97 -8.10
CA PRO A 38 -1.81 5.60 -8.30
C PRO A 38 -0.44 5.54 -8.97
N LEU A 39 -0.07 6.63 -9.63
CA LEU A 39 1.22 6.71 -10.32
C LEU A 39 2.32 7.19 -9.38
N SER A 40 1.97 7.44 -8.13
CA SER A 40 2.92 7.94 -7.16
C SER A 40 2.81 7.22 -5.83
N ILE A 41 1.96 6.19 -5.76
CA ILE A 41 1.72 5.46 -4.53
C ILE A 41 3.02 4.88 -3.95
N ASP A 42 3.97 4.57 -4.83
CA ASP A 42 5.18 3.82 -4.47
C ASP A 42 6.00 4.52 -3.39
N TYR A 43 5.81 5.83 -3.25
CA TYR A 43 6.58 6.61 -2.28
C TYR A 43 5.87 6.67 -0.93
N TYR A 44 4.57 6.41 -0.93
CA TYR A 44 3.76 6.59 0.27
C TYR A 44 3.32 5.25 0.83
N TYR A 45 3.83 4.19 0.24
CA TYR A 45 3.65 2.86 0.79
C TYR A 45 5.00 2.14 0.82
N GLN A 46 5.21 1.30 1.82
CA GLN A 46 6.41 0.50 1.89
C GLN A 46 6.13 -0.79 2.64
N SER A 47 6.56 -1.90 2.06
CA SER A 47 6.46 -3.21 2.69
C SER A 47 7.17 -4.25 1.82
N PHE A 48 7.07 -5.52 2.19
CA PHE A 48 7.96 -6.52 1.66
C PHE A 48 7.28 -7.89 1.74
N SER A 49 7.86 -8.88 1.08
CA SER A 49 7.35 -10.23 1.14
C SER A 49 7.64 -10.85 2.51
N VAL A 50 6.62 -11.39 3.13
CA VAL A 50 6.78 -12.05 4.42
C VAL A 50 6.60 -13.56 4.25
N SER A 51 7.17 -14.33 5.17
CA SER A 51 7.11 -15.79 5.06
C SER A 51 6.24 -16.36 6.16
N MET A 7 4.55 -16.73 0.48
CA MET A 7 4.90 -16.05 -0.79
C MET A 7 4.08 -14.78 -0.95
N GLU A 8 3.78 -14.13 0.17
CA GLU A 8 2.88 -13.00 0.18
C GLU A 8 3.67 -11.71 0.33
N ARG A 9 3.50 -10.80 -0.61
CA ARG A 9 4.10 -9.50 -0.50
C ARG A 9 3.06 -8.52 -0.01
N VAL A 10 3.20 -8.09 1.24
CA VAL A 10 2.21 -7.22 1.84
C VAL A 10 2.68 -5.77 1.79
N TYR A 11 1.74 -4.87 1.54
CA TYR A 11 2.06 -3.47 1.36
C TYR A 11 1.41 -2.64 2.46
N GLN A 12 2.20 -1.88 3.20
CA GLN A 12 1.66 -1.03 4.25
C GLN A 12 1.73 0.43 3.84
N CYS A 13 0.64 1.13 4.03
CA CYS A 13 0.59 2.55 3.71
C CYS A 13 1.37 3.33 4.77
N LEU A 14 2.14 4.32 4.33
CA LEU A 14 3.01 5.07 5.25
C LEU A 14 2.22 6.07 6.10
N ARG A 15 0.90 5.96 6.09
CA ARG A 15 0.07 6.81 6.93
C ARG A 15 -0.50 6.04 8.11
N CYS A 16 -1.25 4.98 7.82
CA CYS A 16 -1.98 4.27 8.87
C CYS A 16 -1.22 3.01 9.26
N GLY A 17 -0.27 2.61 8.42
CA GLY A 17 0.47 1.39 8.67
C GLY A 17 -0.31 0.16 8.27
N LEU A 18 -1.45 0.37 7.63
CA LEU A 18 -2.32 -0.73 7.22
C LEU A 18 -1.65 -1.53 6.11
N THR A 19 -1.51 -2.84 6.33
CA THR A 19 -0.82 -3.70 5.39
C THR A 19 -1.79 -4.62 4.66
N PHE A 20 -1.63 -4.73 3.35
CA PHE A 20 -2.53 -5.54 2.52
C PHE A 20 -1.72 -6.55 1.72
N ARG A 21 -2.30 -7.71 1.45
CA ARG A 21 -1.60 -8.77 0.73
C ARG A 21 -1.77 -8.64 -0.78
N THR A 22 -2.58 -7.70 -1.22
CA THR A 22 -2.86 -7.53 -2.64
C THR A 22 -2.69 -6.07 -3.08
N LYS A 23 -2.32 -5.88 -4.35
CA LYS A 23 -2.14 -4.55 -4.91
C LYS A 23 -3.44 -3.74 -4.84
N LYS A 24 -4.54 -4.37 -5.20
CA LYS A 24 -5.84 -3.71 -5.26
C LYS A 24 -6.18 -3.01 -3.95
N GLN A 25 -5.99 -3.70 -2.84
CA GLN A 25 -6.32 -3.16 -1.52
C GLN A 25 -5.41 -2.00 -1.17
N LEU A 26 -4.17 -2.08 -1.61
CA LEU A 26 -3.17 -1.06 -1.30
C LEU A 26 -3.45 0.19 -2.10
N ILE A 27 -3.49 0.01 -3.41
CA ILE A 27 -3.73 1.09 -4.36
C ILE A 27 -5.00 1.88 -4.00
N ARG A 28 -6.12 1.18 -3.81
CA ARG A 28 -7.39 1.87 -3.56
C ARG A 28 -7.33 2.69 -2.28
N HIS A 29 -6.66 2.17 -1.26
CA HIS A 29 -6.56 2.84 0.03
C HIS A 29 -5.64 4.05 -0.09
N LEU A 30 -4.49 3.84 -0.71
CA LEU A 30 -3.54 4.91 -1.00
C LEU A 30 -4.20 6.06 -1.75
N VAL A 31 -4.96 5.74 -2.79
CA VAL A 31 -5.60 6.77 -3.61
C VAL A 31 -6.76 7.43 -2.85
N ASN A 32 -7.58 6.64 -2.19
CA ASN A 32 -8.82 7.15 -1.60
C ASN A 32 -8.58 7.85 -0.27
N THR A 33 -7.91 7.15 0.65
CA THR A 33 -7.79 7.64 2.02
C THR A 33 -6.50 8.44 2.22
N GLU A 34 -5.40 8.00 1.61
CA GLU A 34 -4.13 8.68 1.76
C GLU A 34 -4.01 9.82 0.76
N LYS A 35 -5.08 9.98 -0.06
CA LYS A 35 -5.15 10.96 -1.15
C LYS A 35 -3.87 11.01 -1.98
N VAL A 36 -3.31 9.84 -2.26
CA VAL A 36 -2.11 9.75 -3.08
C VAL A 36 -2.48 9.38 -4.51
N ASN A 37 -2.03 10.19 -5.46
CA ASN A 37 -2.21 9.89 -6.88
C ASN A 37 -1.62 8.51 -7.19
N PRO A 38 -2.41 7.64 -7.86
CA PRO A 38 -1.99 6.27 -8.20
C PRO A 38 -0.67 6.20 -8.96
N LEU A 39 -0.25 7.31 -9.55
CA LEU A 39 1.02 7.39 -10.25
C LEU A 39 2.18 7.61 -9.27
N SER A 40 1.86 8.08 -8.07
CA SER A 40 2.87 8.43 -7.09
C SER A 40 2.87 7.47 -5.91
N ILE A 41 1.92 6.52 -5.89
CA ILE A 41 1.74 5.62 -4.74
C ILE A 41 3.01 4.87 -4.36
N ASP A 42 3.88 4.65 -5.34
CA ASP A 42 5.09 3.83 -5.15
C ASP A 42 5.97 4.35 -4.02
N TYR A 43 5.85 5.63 -3.71
CA TYR A 43 6.67 6.25 -2.69
C TYR A 43 6.02 6.20 -1.30
N TYR A 44 4.70 6.03 -1.27
CA TYR A 44 3.95 6.17 -0.01
C TYR A 44 3.48 4.84 0.53
N TYR A 45 3.91 3.77 -0.11
CA TYR A 45 3.63 2.44 0.42
C TYR A 45 4.93 1.66 0.61
N GLN A 46 4.99 0.86 1.67
CA GLN A 46 6.17 0.05 1.94
C GLN A 46 5.84 -1.43 1.79
N SER A 47 6.72 -2.16 1.12
CA SER A 47 6.50 -3.58 0.87
C SER A 47 7.22 -4.44 1.89
N PHE A 48 6.50 -5.42 2.43
CA PHE A 48 7.09 -6.40 3.33
C PHE A 48 6.87 -7.79 2.74
N SER A 49 7.89 -8.64 2.81
CA SER A 49 7.81 -9.94 2.16
C SER A 49 7.61 -11.06 3.17
N VAL A 50 6.59 -11.87 2.91
CA VAL A 50 6.29 -13.04 3.73
C VAL A 50 6.51 -14.30 2.89
N SER A 51 7.37 -15.18 3.35
CA SER A 51 7.68 -16.39 2.60
C SER A 51 6.90 -17.57 3.15
N MET A 7 4.61 -16.73 3.87
CA MET A 7 5.43 -16.04 2.85
C MET A 7 4.62 -14.97 2.11
N GLU A 8 3.85 -14.20 2.85
CA GLU A 8 2.97 -13.21 2.24
C GLU A 8 3.72 -11.89 2.02
N ARG A 9 3.95 -11.56 0.76
CA ARG A 9 4.52 -10.26 0.44
C ARG A 9 3.40 -9.24 0.37
N VAL A 10 3.30 -8.42 1.39
CA VAL A 10 2.22 -7.45 1.50
C VAL A 10 2.70 -6.08 1.05
N TYR A 11 1.75 -5.24 0.67
CA TYR A 11 2.03 -3.87 0.33
C TYR A 11 1.42 -2.99 1.40
N GLN A 12 2.24 -2.24 2.11
CA GLN A 12 1.74 -1.45 3.22
C GLN A 12 1.77 0.03 2.89
N CYS A 13 0.76 0.75 3.38
CA CYS A 13 0.79 2.19 3.32
C CYS A 13 1.65 2.67 4.50
N LEU A 14 2.62 3.51 4.23
CA LEU A 14 3.56 3.95 5.26
C LEU A 14 2.92 4.98 6.19
N ARG A 15 1.61 5.14 6.11
CA ARG A 15 0.92 6.18 6.84
C ARG A 15 0.13 5.60 8.00
N CYS A 16 -0.74 4.65 7.70
CA CYS A 16 -1.53 3.99 8.73
C CYS A 16 -0.89 2.66 9.06
N GLY A 17 0.13 2.30 8.27
CA GLY A 17 0.80 1.03 8.44
C GLY A 17 -0.06 -0.11 7.97
N LEU A 18 -0.98 0.18 7.05
CA LEU A 18 -1.94 -0.84 6.63
C LEU A 18 -1.38 -1.70 5.51
N THR A 19 -1.40 -3.02 5.73
CA THR A 19 -0.84 -3.97 4.78
C THR A 19 -1.94 -4.62 3.94
N PHE A 20 -1.62 -4.90 2.68
CA PHE A 20 -2.55 -5.56 1.78
C PHE A 20 -1.83 -6.68 1.03
N ARG A 21 -2.54 -7.77 0.78
CA ARG A 21 -1.94 -8.91 0.10
C ARG A 21 -2.00 -8.76 -1.41
N THR A 22 -2.70 -7.74 -1.87
CA THR A 22 -2.79 -7.46 -3.30
C THR A 22 -2.71 -5.95 -3.54
N LYS A 23 -2.19 -5.58 -4.71
CA LYS A 23 -2.00 -4.18 -5.05
C LYS A 23 -3.35 -3.49 -5.30
N LYS A 24 -4.38 -4.29 -5.57
CA LYS A 24 -5.73 -3.78 -5.72
C LYS A 24 -6.16 -3.05 -4.45
N GLN A 25 -6.00 -3.74 -3.33
CA GLN A 25 -6.38 -3.21 -2.03
C GLN A 25 -5.49 -2.03 -1.68
N LEU A 26 -4.24 -2.10 -2.11
CA LEU A 26 -3.27 -1.07 -1.83
C LEU A 26 -3.66 0.25 -2.48
N ILE A 27 -3.93 0.20 -3.78
CA ILE A 27 -4.26 1.41 -4.54
C ILE A 27 -5.54 2.04 -4.01
N ARG A 28 -6.53 1.21 -3.71
CA ARG A 28 -7.81 1.71 -3.24
C ARG A 28 -7.66 2.50 -1.94
N HIS A 29 -6.78 2.05 -1.05
CA HIS A 29 -6.59 2.71 0.23
C HIS A 29 -5.64 3.91 0.09
N LEU A 30 -4.52 3.70 -0.62
CA LEU A 30 -3.57 4.77 -0.91
C LEU A 30 -4.25 5.98 -1.53
N VAL A 31 -5.05 5.74 -2.56
CA VAL A 31 -5.70 6.83 -3.27
C VAL A 31 -6.82 7.45 -2.43
N ASN A 32 -7.66 6.60 -1.86
CA ASN A 32 -8.84 7.07 -1.14
C ASN A 32 -8.49 7.78 0.17
N THR A 33 -7.77 7.08 1.03
CA THR A 33 -7.58 7.54 2.40
C THR A 33 -6.33 8.40 2.57
N GLU A 34 -5.25 8.04 1.89
CA GLU A 34 -4.00 8.81 2.04
C GLU A 34 -3.99 10.00 1.08
N LYS A 35 -5.06 10.11 0.28
CA LYS A 35 -5.22 11.16 -0.75
C LYS A 35 -4.20 11.04 -1.87
N VAL A 36 -3.47 9.93 -1.88
CA VAL A 36 -2.34 9.75 -2.78
C VAL A 36 -2.79 9.54 -4.23
N ASN A 37 -2.19 10.30 -5.12
CA ASN A 37 -2.36 10.14 -6.55
C ASN A 37 -1.78 8.80 -6.96
N PRO A 38 -2.52 7.99 -7.75
CA PRO A 38 -2.10 6.65 -8.17
C PRO A 38 -0.73 6.63 -8.83
N LEU A 39 -0.34 7.76 -9.40
CA LEU A 39 0.96 7.88 -10.05
C LEU A 39 2.03 8.35 -9.05
N SER A 40 1.69 8.34 -7.78
CA SER A 40 2.60 8.76 -6.72
C SER A 40 2.69 7.71 -5.62
N ILE A 41 2.00 6.57 -5.83
CA ILE A 41 1.88 5.55 -4.79
C ILE A 41 3.23 5.00 -4.36
N ASP A 42 4.19 4.97 -5.30
CA ASP A 42 5.52 4.39 -5.06
C ASP A 42 6.23 5.06 -3.88
N TYR A 43 5.83 6.27 -3.55
CA TYR A 43 6.47 7.03 -2.47
C TYR A 43 5.77 6.80 -1.13
N TYR A 44 4.53 6.34 -1.17
CA TYR A 44 3.72 6.25 0.05
C TYR A 44 3.45 4.80 0.44
N TYR A 45 3.73 3.89 -0.47
CA TYR A 45 3.57 2.47 -0.16
C TYR A 45 4.92 1.79 -0.11
N GLN A 46 4.99 0.69 0.63
CA GLN A 46 6.20 -0.09 0.76
C GLN A 46 5.87 -1.57 0.71
N SER A 47 6.72 -2.35 0.06
CA SER A 47 6.54 -3.78 0.01
C SER A 47 7.22 -4.43 1.21
N PHE A 48 6.47 -5.24 1.93
CA PHE A 48 6.94 -5.85 3.16
C PHE A 48 6.60 -7.33 3.15
N SER A 49 7.52 -8.18 3.60
CA SER A 49 7.30 -9.61 3.57
C SER A 49 7.06 -10.16 4.96
N VAL A 50 5.98 -10.92 5.11
CA VAL A 50 5.68 -11.61 6.35
C VAL A 50 5.68 -13.12 6.12
N SER A 51 5.97 -13.88 7.15
CA SER A 51 6.09 -15.31 7.01
C SER A 51 4.82 -16.00 7.46
N MET A 7 5.87 -16.53 1.51
CA MET A 7 6.02 -16.17 0.07
C MET A 7 5.07 -15.04 -0.31
N GLU A 8 4.16 -14.70 0.60
CA GLU A 8 3.19 -13.64 0.36
C GLU A 8 3.83 -12.27 0.57
N ARG A 9 3.12 -11.23 0.17
CA ARG A 9 3.64 -9.87 0.28
C ARG A 9 2.62 -8.97 0.96
N VAL A 10 3.09 -8.19 1.92
CA VAL A 10 2.24 -7.20 2.56
C VAL A 10 2.65 -5.80 2.11
N TYR A 11 1.67 -5.00 1.74
CA TYR A 11 1.92 -3.64 1.31
C TYR A 11 1.36 -2.69 2.35
N GLN A 12 2.20 -1.95 3.02
CA GLN A 12 1.74 -1.06 4.08
C GLN A 12 1.82 0.39 3.64
N CYS A 13 0.74 1.12 3.90
CA CYS A 13 0.72 2.54 3.62
C CYS A 13 1.57 3.25 4.68
N LEU A 14 2.41 4.19 4.26
CA LEU A 14 3.33 4.86 5.19
C LEU A 14 2.61 5.89 6.06
N ARG A 15 1.29 5.87 6.01
CA ARG A 15 0.47 6.76 6.79
C ARG A 15 -0.08 6.06 8.02
N CYS A 16 -0.86 5.01 7.81
CA CYS A 16 -1.54 4.33 8.90
C CYS A 16 -0.77 3.08 9.29
N GLY A 17 0.11 2.63 8.40
CA GLY A 17 0.84 1.39 8.62
C GLY A 17 0.02 0.17 8.27
N LEU A 18 -1.10 0.40 7.56
CA LEU A 18 -2.00 -0.69 7.22
C LEU A 18 -1.44 -1.55 6.09
N THR A 19 -1.40 -2.86 6.32
CA THR A 19 -0.89 -3.80 5.33
C THR A 19 -2.01 -4.40 4.47
N PHE A 20 -1.71 -4.63 3.20
CA PHE A 20 -2.65 -5.26 2.29
C PHE A 20 -1.99 -6.48 1.64
N ARG A 21 -2.81 -7.35 1.05
CA ARG A 21 -2.32 -8.57 0.44
C ARG A 21 -2.14 -8.36 -1.06
N THR A 22 -3.08 -7.65 -1.67
CA THR A 22 -3.05 -7.44 -3.11
C THR A 22 -2.76 -5.99 -3.46
N LYS A 23 -2.39 -5.76 -4.71
CA LYS A 23 -2.06 -4.41 -5.15
C LYS A 23 -3.32 -3.55 -5.23
N LYS A 24 -4.45 -4.21 -5.45
CA LYS A 24 -5.73 -3.52 -5.53
C LYS A 24 -6.11 -2.94 -4.17
N GLN A 25 -5.92 -3.72 -3.12
CA GLN A 25 -6.18 -3.26 -1.76
C GLN A 25 -5.29 -2.07 -1.42
N LEU A 26 -4.09 -2.08 -1.97
CA LEU A 26 -3.13 -1.01 -1.76
C LEU A 26 -3.60 0.27 -2.44
N ILE A 27 -3.91 0.16 -3.73
CA ILE A 27 -4.32 1.31 -4.52
C ILE A 27 -5.60 1.94 -3.98
N ARG A 28 -6.57 1.11 -3.60
CA ARG A 28 -7.84 1.59 -3.07
C ARG A 28 -7.63 2.53 -1.90
N HIS A 29 -6.81 2.11 -0.94
CA HIS A 29 -6.62 2.88 0.28
C HIS A 29 -5.67 4.07 0.05
N LEU A 30 -4.56 3.82 -0.62
CA LEU A 30 -3.63 4.88 -1.01
C LEU A 30 -4.33 6.02 -1.78
N VAL A 31 -5.06 5.66 -2.82
CA VAL A 31 -5.67 6.67 -3.69
C VAL A 31 -6.82 7.40 -3.00
N ASN A 32 -7.72 6.64 -2.38
CA ASN A 32 -8.92 7.22 -1.79
C ASN A 32 -8.64 7.88 -0.45
N THR A 33 -8.07 7.11 0.47
CA THR A 33 -7.92 7.55 1.84
C THR A 33 -6.68 8.41 2.05
N GLU A 34 -5.54 7.93 1.55
CA GLU A 34 -4.29 8.65 1.74
C GLU A 34 -4.22 9.86 0.79
N LYS A 35 -5.15 9.88 -0.18
CA LYS A 35 -5.26 10.95 -1.19
C LYS A 35 -4.12 10.88 -2.21
N VAL A 36 -3.37 9.79 -2.17
CA VAL A 36 -2.19 9.63 -3.00
C VAL A 36 -2.59 9.24 -4.43
N ASN A 37 -2.02 9.94 -5.40
CA ASN A 37 -2.24 9.64 -6.81
C ASN A 37 -1.59 8.30 -7.16
N PRO A 38 -2.27 7.49 -8.00
CA PRO A 38 -1.81 6.13 -8.39
C PRO A 38 -0.39 6.09 -8.96
N LEU A 39 0.08 7.21 -9.48
CA LEU A 39 1.44 7.28 -10.02
C LEU A 39 2.44 7.62 -8.92
N SER A 40 1.94 8.05 -7.78
CA SER A 40 2.80 8.48 -6.68
C SER A 40 2.73 7.50 -5.50
N ILE A 41 1.89 6.47 -5.62
CA ILE A 41 1.70 5.50 -4.54
C ILE A 41 3.03 4.91 -4.06
N ASP A 42 3.95 4.75 -5.01
CA ASP A 42 5.25 4.13 -4.74
C ASP A 42 6.00 4.82 -3.60
N TYR A 43 5.77 6.11 -3.44
CA TYR A 43 6.48 6.89 -2.43
C TYR A 43 5.85 6.76 -1.05
N TYR A 44 4.60 6.34 -0.99
CA TYR A 44 3.85 6.36 0.26
C TYR A 44 3.43 4.97 0.69
N TYR A 45 3.96 3.98 0.02
CA TYR A 45 3.73 2.60 0.45
C TYR A 45 5.06 1.87 0.60
N GLN A 46 5.11 0.94 1.53
CA GLN A 46 6.27 0.08 1.72
C GLN A 46 5.84 -1.38 1.62
N SER A 47 6.54 -2.14 0.81
CA SER A 47 6.22 -3.54 0.62
C SER A 47 7.15 -4.43 1.44
N PHE A 48 6.59 -5.49 2.01
CA PHE A 48 7.36 -6.46 2.76
C PHE A 48 6.96 -7.87 2.36
N SER A 49 7.94 -8.73 2.19
CA SER A 49 7.66 -10.11 1.82
C SER A 49 7.70 -11.01 3.05
N VAL A 50 6.68 -11.83 3.22
CA VAL A 50 6.64 -12.76 4.33
C VAL A 50 7.29 -14.07 3.91
N SER A 51 7.85 -14.79 4.86
CA SER A 51 8.63 -15.96 4.54
C SER A 51 7.80 -17.24 4.70
N MET A 7 6.37 -16.12 1.81
CA MET A 7 5.49 -16.42 0.66
C MET A 7 4.47 -15.30 0.45
N GLU A 8 4.43 -14.34 1.37
CA GLU A 8 3.40 -13.32 1.33
C GLU A 8 4.01 -11.95 1.01
N ARG A 9 3.62 -11.38 -0.13
CA ARG A 9 4.00 -10.02 -0.46
C ARG A 9 2.90 -9.06 -0.07
N VAL A 10 3.08 -8.39 1.05
CA VAL A 10 2.09 -7.47 1.57
C VAL A 10 2.49 -6.03 1.28
N TYR A 11 1.50 -5.18 1.09
CA TYR A 11 1.72 -3.78 0.82
C TYR A 11 1.20 -2.95 1.97
N GLN A 12 2.06 -2.17 2.61
CA GLN A 12 1.64 -1.36 3.73
C GLN A 12 1.73 0.12 3.40
N CYS A 13 0.69 0.86 3.74
CA CYS A 13 0.69 2.29 3.53
C CYS A 13 1.51 2.96 4.64
N LEU A 14 2.37 3.91 4.27
CA LEU A 14 3.28 4.52 5.25
C LEU A 14 2.57 5.57 6.10
N ARG A 15 1.26 5.62 5.99
CA ARG A 15 0.45 6.53 6.78
C ARG A 15 -0.17 5.80 7.98
N CYS A 16 -1.00 4.81 7.69
CA CYS A 16 -1.75 4.14 8.74
C CYS A 16 -1.06 2.84 9.15
N GLY A 17 -0.10 2.41 8.34
CA GLY A 17 0.58 1.17 8.59
C GLY A 17 -0.27 -0.03 8.19
N LEU A 18 -1.38 0.25 7.50
CA LEU A 18 -2.28 -0.81 7.08
C LEU A 18 -1.64 -1.66 5.98
N THR A 19 -1.66 -2.98 6.17
CA THR A 19 -1.03 -3.88 5.22
C THR A 19 -2.08 -4.68 4.44
N PHE A 20 -1.87 -4.77 3.14
CA PHE A 20 -2.78 -5.51 2.26
C PHE A 20 -2.00 -6.61 1.55
N ARG A 21 -2.67 -7.69 1.20
CA ARG A 21 -2.03 -8.80 0.52
C ARG A 21 -2.36 -8.75 -0.96
N THR A 22 -3.08 -7.71 -1.35
CA THR A 22 -3.48 -7.50 -2.73
C THR A 22 -3.27 -6.04 -3.12
N LYS A 23 -2.73 -5.83 -4.32
CA LYS A 23 -2.33 -4.50 -4.77
C LYS A 23 -3.51 -3.58 -5.00
N LYS A 24 -4.65 -4.15 -5.39
CA LYS A 24 -5.86 -3.38 -5.62
C LYS A 24 -6.30 -2.70 -4.32
N GLN A 25 -6.29 -3.46 -3.23
CA GLN A 25 -6.67 -2.95 -1.93
C GLN A 25 -5.69 -1.89 -1.43
N LEU A 26 -4.46 -1.97 -1.92
CA LEU A 26 -3.45 -0.97 -1.61
C LEU A 26 -3.80 0.34 -2.29
N ILE A 27 -4.05 0.25 -3.59
CA ILE A 27 -4.29 1.44 -4.40
C ILE A 27 -5.58 2.15 -3.99
N ARG A 28 -6.64 1.40 -3.76
CA ARG A 28 -7.92 2.01 -3.38
C ARG A 28 -7.79 2.78 -2.07
N HIS A 29 -6.92 2.30 -1.18
CA HIS A 29 -6.71 2.95 0.10
C HIS A 29 -5.75 4.14 -0.04
N LEU A 30 -4.64 3.92 -0.74
CA LEU A 30 -3.71 4.99 -1.09
C LEU A 30 -4.43 6.17 -1.75
N VAL A 31 -5.30 5.89 -2.70
CA VAL A 31 -6.04 6.94 -3.40
C VAL A 31 -7.08 7.60 -2.49
N ASN A 32 -7.88 6.77 -1.82
CA ASN A 32 -9.00 7.27 -1.03
C ASN A 32 -8.54 8.00 0.24
N THR A 33 -7.78 7.31 1.07
CA THR A 33 -7.44 7.82 2.39
C THR A 33 -6.16 8.65 2.36
N GLU A 34 -5.12 8.12 1.71
CA GLU A 34 -3.82 8.78 1.74
C GLU A 34 -3.76 9.92 0.72
N LYS A 35 -4.77 9.96 -0.17
CA LYS A 35 -4.93 11.01 -1.21
C LYS A 35 -3.91 10.85 -2.34
N VAL A 36 -3.22 9.73 -2.35
CA VAL A 36 -2.09 9.51 -3.25
C VAL A 36 -2.54 8.96 -4.60
N ASN A 37 -1.90 9.43 -5.66
CA ASN A 37 -2.10 8.91 -7.00
C ASN A 37 -1.42 7.55 -7.11
N PRO A 38 -2.06 6.58 -7.80
CA PRO A 38 -1.54 5.22 -7.95
C PRO A 38 -0.18 5.18 -8.63
N LEU A 39 0.18 6.26 -9.31
CA LEU A 39 1.47 6.37 -9.97
C LEU A 39 2.54 6.87 -9.01
N SER A 40 2.10 7.47 -7.92
CA SER A 40 3.01 8.08 -6.96
C SER A 40 2.95 7.36 -5.62
N ILE A 41 2.47 6.13 -5.62
CA ILE A 41 2.36 5.35 -4.39
C ILE A 41 3.74 4.97 -3.85
N ASP A 42 4.75 5.08 -4.70
CA ASP A 42 6.13 4.69 -4.36
C ASP A 42 6.60 5.29 -3.03
N TYR A 43 6.19 6.51 -2.75
CA TYR A 43 6.68 7.21 -1.56
C TYR A 43 5.77 7.01 -0.36
N TYR A 44 4.52 6.66 -0.61
CA TYR A 44 3.54 6.59 0.47
C TYR A 44 3.16 5.15 0.79
N TYR A 45 3.66 4.25 -0.02
CA TYR A 45 3.42 2.83 0.21
C TYR A 45 4.75 2.10 0.30
N GLN A 46 4.79 1.08 1.15
CA GLN A 46 5.97 0.27 1.31
C GLN A 46 5.63 -1.18 1.06
N SER A 47 6.38 -1.83 0.19
CA SER A 47 6.16 -3.23 -0.09
C SER A 47 6.93 -4.07 0.92
N PHE A 48 6.24 -4.98 1.58
CA PHE A 48 6.86 -5.80 2.59
C PHE A 48 6.81 -7.26 2.17
N SER A 49 7.91 -7.95 2.34
CA SER A 49 7.96 -9.37 2.04
C SER A 49 8.12 -10.16 3.33
N VAL A 50 7.26 -11.13 3.52
CA VAL A 50 7.34 -12.01 4.67
C VAL A 50 7.40 -13.46 4.19
N SER A 51 8.18 -14.27 4.87
CA SER A 51 8.46 -15.63 4.42
C SER A 51 7.52 -16.60 5.12
N MET A 7 6.04 -16.45 2.85
CA MET A 7 5.50 -16.87 1.54
C MET A 7 4.95 -15.67 0.77
N GLU A 8 4.01 -14.96 1.38
CA GLU A 8 3.35 -13.85 0.70
C GLU A 8 4.07 -12.53 0.98
N ARG A 9 3.79 -11.54 0.15
CA ARG A 9 4.36 -10.22 0.31
C ARG A 9 3.24 -9.19 0.45
N VAL A 10 3.31 -8.39 1.48
CA VAL A 10 2.26 -7.42 1.75
C VAL A 10 2.74 -6.00 1.48
N TYR A 11 1.81 -5.12 1.21
CA TYR A 11 2.11 -3.72 0.98
C TYR A 11 1.51 -2.89 2.10
N GLN A 12 2.29 -1.97 2.65
CA GLN A 12 1.79 -1.14 3.74
C GLN A 12 1.76 0.32 3.33
N CYS A 13 0.70 1.01 3.71
CA CYS A 13 0.64 2.46 3.55
C CYS A 13 1.49 3.08 4.67
N LEU A 14 2.39 3.99 4.32
CA LEU A 14 3.33 4.54 5.28
C LEU A 14 2.66 5.47 6.30
N ARG A 15 1.34 5.64 6.20
CA ARG A 15 0.64 6.57 7.08
C ARG A 15 -0.01 5.84 8.24
N CYS A 16 -0.86 4.88 7.93
CA CYS A 16 -1.59 4.16 8.96
C CYS A 16 -0.92 2.84 9.26
N GLY A 17 0.07 2.50 8.43
CA GLY A 17 0.76 1.25 8.55
C GLY A 17 -0.11 0.09 8.12
N LEU A 18 -1.05 0.36 7.21
CA LEU A 18 -2.02 -0.66 6.82
C LEU A 18 -1.47 -1.57 5.72
N THR A 19 -1.52 -2.87 5.99
CA THR A 19 -1.00 -3.87 5.07
C THR A 19 -2.10 -4.43 4.16
N PHE A 20 -1.72 -4.75 2.93
CA PHE A 20 -2.63 -5.35 1.97
C PHE A 20 -1.93 -6.50 1.27
N ARG A 21 -2.69 -7.53 0.91
CA ARG A 21 -2.10 -8.70 0.26
C ARG A 21 -2.13 -8.58 -1.25
N THR A 22 -2.89 -7.60 -1.74
CA THR A 22 -2.98 -7.36 -3.17
C THR A 22 -2.97 -5.85 -3.44
N LYS A 23 -2.50 -5.48 -4.63
CA LYS A 23 -2.28 -4.08 -4.99
C LYS A 23 -3.60 -3.30 -5.06
N LYS A 24 -4.68 -4.00 -5.38
CA LYS A 24 -5.99 -3.37 -5.50
C LYS A 24 -6.41 -2.75 -4.17
N GLN A 25 -6.20 -3.49 -3.08
CA GLN A 25 -6.51 -2.99 -1.75
C GLN A 25 -5.61 -1.80 -1.42
N LEU A 26 -4.37 -1.88 -1.89
CA LEU A 26 -3.39 -0.84 -1.66
C LEU A 26 -3.80 0.45 -2.34
N ILE A 27 -4.10 0.35 -3.64
CA ILE A 27 -4.45 1.51 -4.43
C ILE A 27 -5.75 2.13 -3.92
N ARG A 28 -6.74 1.30 -3.60
CA ARG A 28 -8.00 1.81 -3.06
C ARG A 28 -7.77 2.70 -1.84
N HIS A 29 -6.94 2.24 -0.92
CA HIS A 29 -6.71 2.98 0.32
C HIS A 29 -5.79 4.17 0.10
N LEU A 30 -4.69 3.94 -0.62
CA LEU A 30 -3.76 5.00 -0.99
C LEU A 30 -4.46 6.16 -1.71
N VAL A 31 -5.28 5.84 -2.71
CA VAL A 31 -5.93 6.87 -3.50
C VAL A 31 -7.05 7.58 -2.74
N ASN A 32 -7.90 6.80 -2.07
CA ASN A 32 -9.06 7.36 -1.39
C ASN A 32 -8.70 7.98 -0.05
N THR A 33 -8.18 7.17 0.87
CA THR A 33 -7.93 7.64 2.22
C THR A 33 -6.64 8.46 2.30
N GLU A 34 -5.60 8.02 1.60
CA GLU A 34 -4.32 8.70 1.67
C GLU A 34 -4.25 9.83 0.64
N LYS A 35 -5.30 9.87 -0.21
CA LYS A 35 -5.42 10.82 -1.33
C LYS A 35 -4.16 10.87 -2.21
N VAL A 36 -3.49 9.74 -2.33
CA VAL A 36 -2.29 9.65 -3.13
C VAL A 36 -2.59 8.98 -4.48
N ASN A 37 -2.27 9.68 -5.56
CA ASN A 37 -2.45 9.16 -6.91
C ASN A 37 -1.62 7.89 -7.12
N PRO A 38 -2.15 6.93 -7.91
CA PRO A 38 -1.48 5.64 -8.15
C PRO A 38 -0.13 5.78 -8.83
N LEU A 39 0.09 6.92 -9.46
CA LEU A 39 1.35 7.21 -10.12
C LEU A 39 2.34 7.82 -9.12
N SER A 40 1.86 8.08 -7.91
CA SER A 40 2.67 8.72 -6.89
C SER A 40 2.81 7.83 -5.65
N ILE A 41 2.06 6.72 -5.63
CA ILE A 41 2.00 5.84 -4.44
C ILE A 41 3.36 5.23 -4.10
N ASP A 42 4.27 5.25 -5.07
CA ASP A 42 5.59 4.63 -4.94
C ASP A 42 6.29 4.99 -3.63
N TYR A 43 6.16 6.24 -3.21
CA TYR A 43 6.86 6.72 -2.03
C TYR A 43 6.06 6.48 -0.75
N TYR A 44 4.75 6.33 -0.89
CA TYR A 44 3.86 6.30 0.28
C TYR A 44 3.48 4.88 0.65
N TYR A 45 3.91 3.93 -0.16
CA TYR A 45 3.69 2.53 0.18
C TYR A 45 5.00 1.76 0.21
N GLN A 46 5.09 0.83 1.14
CA GLN A 46 6.28 0.01 1.30
C GLN A 46 5.90 -1.45 1.15
N SER A 47 6.80 -2.24 0.58
CA SER A 47 6.56 -3.66 0.40
C SER A 47 7.56 -4.47 1.21
N PHE A 48 7.08 -5.49 1.91
CA PHE A 48 7.95 -6.40 2.62
C PHE A 48 7.36 -7.81 2.57
N SER A 49 8.23 -8.80 2.57
CA SER A 49 7.78 -10.17 2.48
C SER A 49 7.60 -10.77 3.86
N VAL A 50 6.43 -11.35 4.07
CA VAL A 50 6.10 -11.99 5.32
C VAL A 50 6.08 -13.50 5.11
N SER A 51 5.79 -14.28 6.13
CA SER A 51 5.77 -15.72 5.99
C SER A 51 4.33 -16.18 5.79
N MET A 7 5.77 -17.32 -0.13
CA MET A 7 6.12 -15.89 -0.08
C MET A 7 4.93 -15.03 -0.47
N GLU A 8 4.44 -14.25 0.47
CA GLU A 8 3.31 -13.37 0.24
C GLU A 8 3.73 -11.94 0.47
N ARG A 9 3.22 -11.03 -0.34
CA ARG A 9 3.63 -9.63 -0.28
C ARG A 9 2.59 -8.82 0.47
N VAL A 10 3.02 -8.17 1.54
CA VAL A 10 2.15 -7.24 2.23
C VAL A 10 2.56 -5.82 1.88
N TYR A 11 1.60 -5.01 1.51
CA TYR A 11 1.86 -3.64 1.10
C TYR A 11 1.44 -2.72 2.22
N GLN A 12 2.38 -1.98 2.79
CA GLN A 12 2.06 -1.11 3.91
C GLN A 12 1.90 0.33 3.44
N CYS A 13 0.80 0.94 3.85
CA CYS A 13 0.60 2.35 3.60
C CYS A 13 1.31 3.11 4.73
N LEU A 14 2.24 3.99 4.37
CA LEU A 14 3.08 4.67 5.35
C LEU A 14 2.31 5.76 6.09
N ARG A 15 1.01 5.77 5.94
CA ARG A 15 0.17 6.81 6.50
C ARG A 15 -0.60 6.30 7.71
N CYS A 16 -1.24 5.14 7.55
CA CYS A 16 -1.97 4.53 8.65
C CYS A 16 -1.18 3.35 9.20
N GLY A 17 -0.19 2.92 8.42
CA GLY A 17 0.59 1.75 8.77
C GLY A 17 -0.14 0.47 8.43
N LEU A 18 -1.05 0.55 7.46
CA LEU A 18 -1.91 -0.59 7.15
C LEU A 18 -1.24 -1.54 6.15
N THR A 19 -1.36 -2.84 6.41
CA THR A 19 -0.79 -3.86 5.53
C THR A 19 -1.88 -4.51 4.69
N PHE A 20 -1.60 -4.70 3.41
CA PHE A 20 -2.53 -5.38 2.52
C PHE A 20 -1.84 -6.58 1.89
N ARG A 21 -2.60 -7.65 1.68
CA ARG A 21 -2.03 -8.87 1.13
C ARG A 21 -2.08 -8.86 -0.40
N THR A 22 -2.98 -8.05 -0.94
CA THR A 22 -3.06 -7.84 -2.37
C THR A 22 -3.00 -6.34 -2.67
N LYS A 23 -2.29 -5.99 -3.74
CA LYS A 23 -1.97 -4.60 -4.06
C LYS A 23 -3.22 -3.82 -4.46
N LYS A 24 -4.29 -4.52 -4.81
CA LYS A 24 -5.56 -3.87 -5.12
C LYS A 24 -6.13 -3.20 -3.88
N GLN A 25 -5.92 -3.84 -2.72
CA GLN A 25 -6.36 -3.28 -1.45
C GLN A 25 -5.53 -2.03 -1.14
N LEU A 26 -4.33 -2.02 -1.67
CA LEU A 26 -3.39 -0.94 -1.42
C LEU A 26 -3.75 0.28 -2.25
N ILE A 27 -3.90 0.09 -3.55
CA ILE A 27 -4.15 1.20 -4.47
C ILE A 27 -5.48 1.88 -4.16
N ARG A 28 -6.52 1.08 -3.91
CA ARG A 28 -7.83 1.63 -3.60
C ARG A 28 -7.77 2.51 -2.34
N HIS A 29 -6.94 2.10 -1.39
CA HIS A 29 -6.84 2.79 -0.10
C HIS A 29 -5.90 4.00 -0.19
N LEU A 30 -4.74 3.79 -0.81
CA LEU A 30 -3.80 4.88 -1.07
C LEU A 30 -4.48 6.06 -1.77
N VAL A 31 -5.25 5.78 -2.82
CA VAL A 31 -5.90 6.83 -3.59
C VAL A 31 -7.07 7.45 -2.83
N ASN A 32 -7.88 6.60 -2.21
CA ASN A 32 -9.12 7.07 -1.57
C ASN A 32 -8.85 7.74 -0.22
N THR A 33 -8.08 7.07 0.63
CA THR A 33 -7.89 7.53 2.00
C THR A 33 -6.69 8.48 2.13
N GLU A 34 -5.53 8.05 1.63
CA GLU A 34 -4.31 8.83 1.79
C GLU A 34 -4.18 9.89 0.69
N LYS A 35 -5.21 9.96 -0.16
CA LYS A 35 -5.29 10.88 -1.30
C LYS A 35 -4.04 10.81 -2.19
N VAL A 36 -3.39 9.65 -2.21
CA VAL A 36 -2.17 9.48 -2.97
C VAL A 36 -2.48 9.19 -4.43
N ASN A 37 -1.78 9.87 -5.32
CA ASN A 37 -1.96 9.68 -6.74
C ASN A 37 -1.23 8.41 -7.19
N PRO A 38 -1.87 7.61 -8.05
CA PRO A 38 -1.33 6.31 -8.52
C PRO A 38 0.08 6.38 -9.08
N LEU A 39 0.52 7.56 -9.50
CA LEU A 39 1.86 7.74 -10.04
C LEU A 39 2.87 8.01 -8.94
N SER A 40 2.40 8.20 -7.73
CA SER A 40 3.26 8.52 -6.61
C SER A 40 3.07 7.54 -5.45
N ILE A 41 2.33 6.45 -5.71
CA ILE A 41 1.99 5.49 -4.66
C ILE A 41 3.22 4.92 -3.96
N ASP A 42 4.25 4.59 -4.74
CA ASP A 42 5.43 3.90 -4.22
C ASP A 42 6.15 4.73 -3.15
N TYR A 43 5.91 6.03 -3.16
CA TYR A 43 6.54 6.93 -2.21
C TYR A 43 5.85 6.86 -0.85
N TYR A 44 4.62 6.38 -0.83
CA TYR A 44 3.82 6.37 0.39
C TYR A 44 3.44 4.97 0.80
N TYR A 45 3.89 3.99 0.03
CA TYR A 45 3.70 2.60 0.41
C TYR A 45 4.99 1.80 0.24
N GLN A 46 5.15 0.77 1.06
CA GLN A 46 6.29 -0.11 0.95
C GLN A 46 5.83 -1.56 0.90
N SER A 47 6.33 -2.30 -0.09
CA SER A 47 6.01 -3.70 -0.22
C SER A 47 6.99 -4.55 0.59
N PHE A 48 6.47 -5.39 1.45
CA PHE A 48 7.31 -6.28 2.24
C PHE A 48 6.90 -7.73 1.99
N SER A 49 7.89 -8.59 1.82
CA SER A 49 7.61 -9.99 1.56
C SER A 49 7.68 -10.81 2.86
N VAL A 50 6.62 -11.57 3.11
CA VAL A 50 6.58 -12.47 4.25
C VAL A 50 6.50 -13.91 3.75
N SER A 51 6.82 -14.86 4.60
CA SER A 51 6.84 -16.26 4.18
C SER A 51 6.29 -17.15 5.28
#